data_3UX0
#
_entry.id   3UX0
#
_cell.length_a   81.900
_cell.length_b   111.040
_cell.length_c   62.350
_cell.angle_alpha   90.000
_cell.angle_beta   90.000
_cell.angle_gamma   90.000
#
_symmetry.space_group_name_H-M   'C 2 2 21'
#
loop_
_entity.id
_entity.type
_entity.pdbx_description
1 polymer '14-3-3 protein sigma'
2 polymer 'TASK3 PHOSPHOPEPTIDE'
3 non-polymer 'MAGNESIUM ION'
4 non-polymer 'CHLORIDE ION'
5 non-polymer GLYCEROL
6 non-polymer '(4R,5R,6R,6aS,9S,9aE,10aR)-5-hydroxy-9-(hydroxymethyl)-6,10a-dimethyl-3-(propan-2-yl)-1,2,4,5,6,6a,7,8,9,10a-decahydrod icyclopenta[a,d][8]annulen-4-yl alpha-D-gulopyranoside'
7 water water
#
loop_
_entity_poly.entity_id
_entity_poly.type
_entity_poly.pdbx_seq_one_letter_code
_entity_poly.pdbx_strand_id
1 'polypeptide(L)'
;AMGSMERASLIQKAKLAEQAERYEDMAAFMKGAVEKGEELS(CSO)EERNLLSVAYKNVVGGQRAAWRVLSSIEQKSNEE
GSEEKGPEVREYREKVETELQGVCDTVLGLLDSHLIKEAGDAESRVFYLKMKGDYYRYLAEVATGDDKKRIIDSARSAYQ
EAMDISKKEMPPTNPIRLGLALNFSVFHYEIANSPEEAISLAKTTFDEAMADLHTLSEDSYKDSTLIMQLLRDNLTLWT
;
A
2 'polypeptide(L)' KRRK(SEP)V P
#
loop_
_chem_comp.id
_chem_comp.type
_chem_comp.name
_chem_comp.formula
0DV non-polymer '(4R,5R,6R,6aS,9S,9aE,10aR)-5-hydroxy-9-(hydroxymethyl)-6,10a-dimethyl-3-(propan-2-yl)-1,2,4,5,6,6a,7,8,9,10a-decahydrod icyclopenta[a,d][8]annulen-4-yl alpha-D-gulopyranoside' 'C26 H42 O8'
CL non-polymer 'CHLORIDE ION' 'Cl -1'
GOL non-polymer GLYCEROL 'C3 H8 O3'
MG non-polymer 'MAGNESIUM ION' 'Mg 2'
#
# COMPACT_ATOMS: atom_id res chain seq x y z
N ALA A 1 10.66 15.72 -14.64
CA ALA A 1 10.00 16.95 -15.21
C ALA A 1 9.69 17.97 -14.17
N MET A 2 9.88 17.62 -12.89
CA MET A 2 9.53 18.53 -11.80
C MET A 2 10.78 19.13 -11.19
N GLY A 3 11.89 18.87 -11.85
CA GLY A 3 13.19 19.33 -11.41
C GLY A 3 13.35 20.84 -11.17
N SER A 4 12.59 21.66 -11.90
CA SER A 4 12.74 23.10 -11.76
CA SER A 4 12.71 23.10 -11.78
C SER A 4 11.81 23.70 -10.71
N MET A 5 10.91 22.90 -10.13
CA MET A 5 9.96 23.43 -9.17
CA MET A 5 9.95 23.42 -9.16
C MET A 5 10.48 23.28 -7.74
N GLU A 6 10.32 24.32 -6.92
CA GLU A 6 10.71 24.26 -5.50
C GLU A 6 10.01 23.08 -4.79
N ARG A 7 10.72 22.47 -3.83
CA ARG A 7 10.10 21.38 -3.07
C ARG A 7 8.79 21.79 -2.40
N ALA A 8 8.80 22.93 -1.71
CA ALA A 8 7.58 23.37 -1.00
C ALA A 8 6.43 23.63 -1.96
N SER A 9 6.75 24.13 -3.18
CA SER A 9 5.69 24.34 -4.17
C SER A 9 5.10 23.03 -4.69
N LEU A 10 5.94 22.00 -4.81
CA LEU A 10 5.47 20.66 -5.25
C LEU A 10 4.50 20.12 -4.19
N ILE A 11 4.85 20.31 -2.92
CA ILE A 11 4.01 19.81 -1.81
CA ILE A 11 3.99 19.76 -1.88
C ILE A 11 2.69 20.56 -1.80
N GLN A 12 2.78 21.88 -1.91
CA GLN A 12 1.56 22.68 -1.97
CA GLN A 12 1.54 22.63 -1.91
C GLN A 12 0.64 22.27 -3.12
N LYS A 13 1.25 22.10 -4.31
CA LYS A 13 0.49 21.66 -5.51
C LYS A 13 -0.11 20.24 -5.34
N ALA A 14 0.62 19.34 -4.66
CA ALA A 14 0.06 18.01 -4.34
C ALA A 14 -1.24 18.13 -3.51
N LYS A 15 -1.22 19.03 -2.53
CA LYS A 15 -2.41 19.22 -1.69
C LYS A 15 -3.55 19.81 -2.50
N LEU A 16 -3.25 20.75 -3.40
CA LEU A 16 -4.26 21.33 -4.31
C LEU A 16 -4.81 20.22 -5.23
N ALA A 17 -3.92 19.37 -5.71
CA ALA A 17 -4.37 18.32 -6.68
C ALA A 17 -5.27 17.34 -5.95
N GLU A 18 -4.98 17.07 -4.68
CA GLU A 18 -5.82 16.15 -3.89
C GLU A 18 -7.25 16.75 -3.76
N GLN A 19 -7.31 18.05 -3.47
CA GLN A 19 -8.62 18.69 -3.32
CA GLN A 19 -8.59 18.75 -3.33
C GLN A 19 -9.39 18.66 -4.61
N ALA A 20 -8.68 18.72 -5.74
CA ALA A 20 -9.28 18.75 -7.05
C ALA A 20 -9.51 17.34 -7.61
N GLU A 21 -9.17 16.34 -6.81
CA GLU A 21 -9.22 14.91 -7.22
C GLU A 21 -8.42 14.64 -8.50
N ARG A 22 -7.25 15.28 -8.60
CA ARG A 22 -6.40 15.12 -9.77
C ARG A 22 -5.24 14.23 -9.32
N TYR A 23 -5.48 12.92 -9.21
CA TYR A 23 -4.50 12.08 -8.54
C TYR A 23 -3.27 11.79 -9.35
N GLU A 24 -3.37 11.76 -10.69
CA GLU A 24 -2.15 11.65 -11.50
CA GLU A 24 -2.16 11.67 -11.54
C GLU A 24 -1.22 12.87 -11.30
N ASP A 25 -1.81 14.06 -11.28
CA ASP A 25 -0.98 15.27 -11.02
C ASP A 25 -0.37 15.19 -9.60
N MET A 26 -1.20 14.75 -8.67
CA MET A 26 -0.78 14.64 -7.27
C MET A 26 0.45 13.74 -7.19
N ALA A 27 0.39 12.61 -7.90
CA ALA A 27 1.49 11.64 -7.84
C ALA A 27 2.73 12.21 -8.50
N ALA A 28 2.56 12.88 -9.62
CA ALA A 28 3.72 13.50 -10.25
C ALA A 28 4.33 14.57 -9.39
N PHE A 29 3.51 15.40 -8.74
CA PHE A 29 4.07 16.41 -7.80
C PHE A 29 4.83 15.72 -6.66
N MET A 30 4.22 14.67 -6.09
CA MET A 30 4.94 13.98 -5.01
C MET A 30 6.20 13.23 -5.43
N LYS A 31 6.18 12.65 -6.65
CA LYS A 31 7.40 12.05 -7.18
C LYS A 31 8.49 13.14 -7.27
N GLY A 32 8.12 14.33 -7.77
CA GLY A 32 9.11 15.44 -7.89
C GLY A 32 9.65 15.81 -6.52
N ALA A 33 8.77 15.84 -5.50
CA ALA A 33 9.22 16.13 -4.13
C ALA A 33 10.18 15.07 -3.59
N VAL A 34 9.87 13.78 -3.79
CA VAL A 34 10.83 12.76 -3.37
C VAL A 34 12.14 12.97 -4.06
N GLU A 35 12.09 13.26 -5.35
CA GLU A 35 13.34 13.36 -6.15
C GLU A 35 14.20 14.56 -5.74
N LYS A 36 13.70 15.43 -4.85
CA LYS A 36 14.57 16.47 -4.29
C LYS A 36 15.65 15.90 -3.36
N GLY A 37 15.46 14.67 -2.86
CA GLY A 37 16.53 13.97 -2.15
C GLY A 37 16.41 14.03 -0.63
N GLU A 38 15.56 14.90 -0.11
CA GLU A 38 15.34 15.03 1.34
CA GLU A 38 15.34 15.04 1.32
C GLU A 38 14.34 13.99 1.86
N GLU A 39 14.47 13.64 3.14
CA GLU A 39 13.48 12.72 3.69
C GLU A 39 12.08 13.38 3.61
N LEU A 40 11.03 12.58 3.71
CA LEU A 40 9.67 13.14 3.71
C LEU A 40 9.15 13.19 5.15
N SER A 41 8.38 14.21 5.49
CA SER A 41 7.72 14.20 6.80
C SER A 41 6.52 13.23 6.85
N CSO A 42 5.93 13.03 8.03
CA CSO A 42 4.73 12.19 8.15
CB CSO A 42 4.23 12.26 9.61
SG CSO A 42 2.80 11.23 9.80
C CSO A 42 3.63 12.62 7.15
O CSO A 42 3.09 11.79 6.41
OD CSO A 42 1.35 12.22 9.56
N GLU A 43 3.30 13.92 7.11
CA GLU A 43 2.24 14.41 6.23
CA GLU A 43 2.20 14.33 6.24
C GLU A 43 2.60 14.17 4.77
N GLU A 44 3.88 14.36 4.47
CA GLU A 44 4.32 14.20 3.04
C GLU A 44 4.28 12.72 2.62
N ARG A 45 4.63 11.81 3.53
CA ARG A 45 4.50 10.38 3.23
C ARG A 45 3.05 10.05 2.96
N ASN A 46 2.14 10.61 3.74
CA ASN A 46 0.72 10.36 3.49
C ASN A 46 0.29 10.88 2.10
N LEU A 47 0.79 12.05 1.69
CA LEU A 47 0.39 12.58 0.37
C LEU A 47 0.90 11.65 -0.73
N LEU A 48 2.13 11.16 -0.58
CA LEU A 48 2.74 10.26 -1.57
C LEU A 48 1.89 8.99 -1.70
N SER A 49 1.51 8.43 -0.56
CA SER A 49 0.73 7.20 -0.51
CA SER A 49 0.77 7.19 -0.57
C SER A 49 -0.65 7.40 -1.10
N VAL A 50 -1.31 8.50 -0.73
CA VAL A 50 -2.69 8.72 -1.22
C VAL A 50 -2.66 8.88 -2.75
N ALA A 51 -1.61 9.54 -3.22
CA ALA A 51 -1.60 9.89 -4.65
C ALA A 51 -1.48 8.61 -5.45
N TYR A 52 -0.47 7.80 -5.15
CA TYR A 52 -0.24 6.55 -5.94
C TYR A 52 -1.31 5.50 -5.71
N LYS A 53 -1.87 5.42 -4.49
CA LYS A 53 -2.94 4.44 -4.23
CA LYS A 53 -2.94 4.47 -4.21
C LYS A 53 -4.14 4.73 -5.11
N ASN A 54 -4.47 6.00 -5.32
CA ASN A 54 -5.57 6.38 -6.17
C ASN A 54 -5.30 6.11 -7.63
N VAL A 55 -4.07 6.37 -8.06
CA VAL A 55 -3.68 6.15 -9.46
C VAL A 55 -3.70 4.64 -9.75
N VAL A 56 -2.97 3.86 -8.95
CA VAL A 56 -2.91 2.40 -9.20
CA VAL A 56 -2.94 2.42 -9.20
C VAL A 56 -4.30 1.80 -8.96
N GLY A 57 -5.10 2.40 -8.08
CA GLY A 57 -6.39 1.81 -7.76
C GLY A 57 -7.34 1.88 -8.93
N GLY A 58 -7.29 3.02 -9.67
CA GLY A 58 -8.04 3.16 -10.94
C GLY A 58 -7.56 2.13 -11.98
N GLN A 59 -6.24 1.95 -12.09
CA GLN A 59 -5.69 0.97 -13.07
C GLN A 59 -6.10 -0.44 -12.69
N ARG A 60 -6.11 -0.75 -11.38
CA ARG A 60 -6.40 -2.12 -11.00
C ARG A 60 -7.85 -2.45 -11.25
N ALA A 61 -8.70 -1.48 -10.96
CA ALA A 61 -10.14 -1.65 -11.09
C ALA A 61 -10.43 -1.87 -12.58
N ALA A 62 -9.73 -1.13 -13.42
CA ALA A 62 -9.93 -1.32 -14.87
C ALA A 62 -9.41 -2.66 -15.32
N TRP A 63 -8.22 -3.05 -14.86
CA TRP A 63 -7.67 -4.35 -15.19
C TRP A 63 -8.63 -5.48 -14.79
N ARG A 64 -9.26 -5.39 -13.61
CA ARG A 64 -10.17 -6.44 -13.21
C ARG A 64 -11.37 -6.53 -14.12
N VAL A 65 -11.90 -5.38 -14.56
CA VAL A 65 -13.02 -5.36 -15.50
C VAL A 65 -12.59 -6.07 -16.80
N LEU A 66 -11.43 -5.71 -17.35
CA LEU A 66 -10.97 -6.25 -18.65
C LEU A 66 -10.61 -7.73 -18.54
N SER A 67 -9.99 -8.13 -17.43
CA SER A 67 -9.61 -9.53 -17.21
CA SER A 67 -9.65 -9.53 -17.20
C SER A 67 -10.89 -10.40 -17.15
N SER A 68 -11.95 -9.87 -16.51
CA SER A 68 -13.21 -10.60 -16.43
CA SER A 68 -13.25 -10.56 -16.40
C SER A 68 -13.81 -10.79 -17.80
N ILE A 69 -13.80 -9.72 -18.59
CA ILE A 69 -14.30 -9.82 -19.99
C ILE A 69 -13.43 -10.82 -20.78
N GLU A 70 -12.12 -10.74 -20.63
CA GLU A 70 -11.22 -11.64 -21.34
C GLU A 70 -11.51 -13.11 -20.97
N GLN A 71 -11.68 -13.37 -19.69
CA GLN A 71 -11.93 -14.76 -19.25
C GLN A 71 -13.28 -15.31 -19.75
N LYS A 72 -14.33 -14.49 -19.75
CA LYS A 72 -15.58 -14.91 -20.40
C LYS A 72 -15.42 -15.15 -21.90
N SER A 73 -14.52 -14.42 -22.52
CA SER A 73 -14.28 -14.56 -23.97
C SER A 73 -13.49 -15.83 -24.32
N ASN A 74 -12.88 -16.45 -23.32
CA ASN A 74 -12.01 -17.61 -23.50
C ASN A 74 -12.67 -18.94 -23.14
N GLY A 82 -11.59 -11.86 -31.37
CA GLY A 82 -10.32 -11.34 -31.88
C GLY A 82 -9.41 -10.91 -30.73
N PRO A 83 -8.30 -10.26 -31.05
CA PRO A 83 -7.28 -10.01 -30.08
C PRO A 83 -7.56 -8.75 -29.23
N GLU A 84 -8.66 -8.05 -29.46
CA GLU A 84 -8.81 -6.71 -28.87
C GLU A 84 -8.87 -6.70 -27.34
N VAL A 85 -9.64 -7.61 -26.75
CA VAL A 85 -9.79 -7.61 -25.28
C VAL A 85 -8.46 -7.90 -24.61
N ARG A 86 -7.78 -8.93 -25.09
CA ARG A 86 -6.44 -9.25 -24.58
C ARG A 86 -5.46 -8.09 -24.82
N GLU A 87 -5.47 -7.49 -26.01
CA GLU A 87 -4.54 -6.37 -26.26
C GLU A 87 -4.77 -5.19 -25.30
N TYR A 88 -6.04 -4.85 -25.08
CA TYR A 88 -6.32 -3.69 -24.26
C TYR A 88 -6.07 -4.01 -22.75
N ARG A 89 -6.36 -5.24 -22.33
CA ARG A 89 -6.00 -5.69 -20.98
C ARG A 89 -4.49 -5.59 -20.82
N GLU A 90 -3.71 -6.06 -21.81
CA GLU A 90 -2.25 -5.94 -21.76
CA GLU A 90 -2.25 -5.94 -21.79
C GLU A 90 -1.77 -4.50 -21.68
N LYS A 91 -2.44 -3.58 -22.36
CA LYS A 91 -2.04 -2.17 -22.36
C LYS A 91 -2.23 -1.63 -20.94
N VAL A 92 -3.40 -1.89 -20.36
CA VAL A 92 -3.68 -1.42 -18.97
C VAL A 92 -2.69 -2.06 -18.01
N GLU A 93 -2.41 -3.36 -18.17
CA GLU A 93 -1.48 -4.08 -17.34
C GLU A 93 -0.08 -3.47 -17.42
N THR A 94 0.40 -3.15 -18.63
CA THR A 94 1.70 -2.54 -18.76
C THR A 94 1.80 -1.16 -18.07
N GLU A 95 0.72 -0.39 -18.16
CA GLU A 95 0.78 0.94 -17.54
CA GLU A 95 0.63 0.94 -17.54
C GLU A 95 0.73 0.80 -16.03
N LEU A 96 -0.02 -0.17 -15.55
CA LEU A 96 -0.10 -0.48 -14.11
CA LEU A 96 -0.09 -0.50 -14.12
C LEU A 96 1.29 -0.90 -13.62
N GLN A 97 1.92 -1.82 -14.34
CA GLN A 97 3.29 -2.25 -14.02
C GLN A 97 4.22 -1.07 -13.98
N GLY A 98 4.09 -0.14 -14.94
CA GLY A 98 4.97 1.00 -14.92
C GLY A 98 4.83 1.90 -13.70
N VAL A 99 3.61 2.06 -13.22
CA VAL A 99 3.37 2.88 -12.02
C VAL A 99 3.94 2.13 -10.82
N CYS A 100 3.73 0.82 -10.74
CA CYS A 100 4.32 0.06 -9.60
C CYS A 100 5.84 0.16 -9.63
N ASP A 101 6.44 0.05 -10.83
CA ASP A 101 7.88 0.16 -10.93
C ASP A 101 8.39 1.55 -10.55
N THR A 102 7.64 2.59 -10.90
CA THR A 102 7.98 3.96 -10.47
C THR A 102 8.01 4.09 -8.93
N VAL A 103 6.98 3.57 -8.29
CA VAL A 103 6.89 3.68 -6.82
C VAL A 103 8.02 2.89 -6.19
N LEU A 104 8.23 1.67 -6.68
CA LEU A 104 9.27 0.84 -6.14
C LEU A 104 10.63 1.49 -6.33
N GLY A 105 10.79 2.16 -7.46
CA GLY A 105 12.02 2.88 -7.72
C GLY A 105 12.25 4.01 -6.74
N LEU A 106 11.19 4.73 -6.35
CA LEU A 106 11.31 5.84 -5.41
C LEU A 106 11.72 5.25 -4.06
N LEU A 107 11.12 4.10 -3.72
CA LEU A 107 11.43 3.44 -2.41
C LEU A 107 12.88 2.97 -2.39
N ASP A 108 13.37 2.45 -3.51
CA ASP A 108 14.77 1.97 -3.53
C ASP A 108 15.81 3.03 -3.79
N SER A 109 15.40 4.16 -4.32
CA SER A 109 16.28 5.30 -4.63
C SER A 109 15.69 6.64 -4.15
N HIS A 110 15.73 6.96 -2.85
CA HIS A 110 16.46 6.26 -1.80
C HIS A 110 15.69 6.36 -0.51
N LEU A 111 14.36 6.29 -0.59
CA LEU A 111 13.55 6.48 0.60
C LEU A 111 13.85 5.47 1.70
N ILE A 112 13.91 4.18 1.37
CA ILE A 112 13.99 3.18 2.43
C ILE A 112 15.36 3.25 3.10
N LYS A 113 16.42 3.41 2.29
CA LYS A 113 17.75 3.39 2.93
C LYS A 113 17.99 4.57 3.88
N GLU A 114 17.32 5.69 3.63
CA GLU A 114 17.48 6.82 4.56
CA GLU A 114 17.44 6.88 4.48
C GLU A 114 16.50 6.85 5.70
N ALA A 115 15.52 5.92 5.70
CA ALA A 115 14.48 5.96 6.74
C ALA A 115 14.92 5.18 8.00
N GLY A 116 15.26 5.92 9.03
CA GLY A 116 15.76 5.30 10.28
C GLY A 116 14.74 5.18 11.40
N ASP A 117 13.76 6.06 11.42
CA ASP A 117 12.74 6.00 12.47
C ASP A 117 11.78 4.92 12.11
N ALA A 118 11.23 4.26 13.13
CA ALA A 118 10.27 3.18 12.89
C ALA A 118 9.07 3.58 12.05
N GLU A 119 8.46 4.74 12.33
CA GLU A 119 7.26 5.21 11.63
CA GLU A 119 7.22 5.08 11.60
C GLU A 119 7.54 5.29 10.13
N SER A 120 8.72 5.80 9.79
CA SER A 120 9.01 6.02 8.36
CA SER A 120 9.05 6.03 8.38
CA SER A 120 9.05 6.04 8.38
C SER A 120 9.39 4.70 7.70
N ARG A 121 10.22 3.91 8.38
CA ARG A 121 10.70 2.69 7.78
C ARG A 121 9.58 1.69 7.57
N VAL A 122 8.69 1.57 8.55
CA VAL A 122 7.54 0.68 8.42
C VAL A 122 6.61 1.17 7.32
N PHE A 123 6.38 2.49 7.24
CA PHE A 123 5.49 3.03 6.20
C PHE A 123 6.05 2.67 4.82
N TYR A 124 7.36 2.84 4.61
CA TYR A 124 7.92 2.62 3.26
C TYR A 124 7.98 1.13 2.97
N LEU A 125 8.28 0.29 3.98
CA LEU A 125 8.25 -1.17 3.69
C LEU A 125 6.84 -1.70 3.41
N LYS A 126 5.84 -1.16 4.09
CA LYS A 126 4.42 -1.48 3.77
C LYS A 126 4.15 -1.11 2.28
N MET A 127 4.57 0.09 1.90
CA MET A 127 4.37 0.52 0.50
CA MET A 127 4.40 0.54 0.51
C MET A 127 5.07 -0.43 -0.45
N LYS A 128 6.30 -0.85 -0.12
CA LYS A 128 7.03 -1.81 -0.95
C LYS A 128 6.24 -3.12 -1.09
N GLY A 129 5.70 -3.62 0.01
CA GLY A 129 4.88 -4.83 -0.08
C GLY A 129 3.62 -4.62 -0.89
N ASP A 130 3.00 -3.46 -0.74
CA ASP A 130 1.72 -3.19 -1.44
C ASP A 130 1.99 -3.18 -2.96
N TYR A 131 3.04 -2.48 -3.41
CA TYR A 131 3.27 -2.38 -4.90
C TYR A 131 3.80 -3.69 -5.51
N TYR A 132 4.57 -4.47 -4.76
CA TYR A 132 4.85 -5.84 -5.25
C TYR A 132 3.58 -6.68 -5.26
N ARG A 133 2.69 -6.50 -4.24
CA ARG A 133 1.42 -7.24 -4.29
C ARG A 133 0.59 -6.87 -5.55
N TYR A 134 0.58 -5.61 -5.92
CA TYR A 134 -0.14 -5.18 -7.14
C TYR A 134 0.49 -5.81 -8.35
N LEU A 135 1.82 -5.88 -8.38
CA LEU A 135 2.51 -6.59 -9.51
C LEU A 135 2.11 -8.07 -9.47
N ALA A 136 1.97 -8.62 -8.26
CA ALA A 136 1.60 -10.06 -8.14
C ALA A 136 0.20 -10.35 -8.60
N GLU A 137 -0.69 -9.38 -8.48
CA GLU A 137 -2.08 -9.55 -8.94
C GLU A 137 -2.18 -9.82 -10.44
N VAL A 138 -1.20 -9.36 -11.20
CA VAL A 138 -1.23 -9.49 -12.67
C VAL A 138 -0.19 -10.44 -13.25
N ALA A 139 0.68 -10.98 -12.39
CA ALA A 139 1.84 -11.75 -12.79
C ALA A 139 1.44 -13.16 -13.16
N THR A 140 2.19 -13.82 -14.05
N THR A 140 1.99 -13.60 -14.30
CA THR A 140 1.98 -15.29 -14.26
CA THR A 140 1.69 -14.90 -14.93
C THR A 140 3.23 -16.20 -14.15
C THR A 140 2.96 -15.64 -15.43
N GLY A 141 3.06 -17.39 -13.54
N GLY A 141 4.12 -14.99 -15.39
CA GLY A 141 4.13 -18.43 -13.53
CA GLY A 141 5.36 -15.59 -15.91
C GLY A 141 5.04 -18.58 -12.33
C GLY A 141 6.39 -16.24 -14.96
N ASP A 142 6.35 -18.42 -12.54
N ASP A 142 7.60 -16.38 -15.49
CA ASP A 142 7.34 -18.32 -11.44
CA ASP A 142 8.77 -16.94 -14.78
C ASP A 142 8.03 -16.95 -11.44
C ASP A 142 9.06 -16.26 -13.45
N ASP A 143 8.18 -16.30 -12.60
N ASP A 143 8.71 -14.99 -13.37
CA ASP A 143 8.56 -14.89 -12.58
CA ASP A 143 8.90 -14.15 -12.18
C ASP A 143 7.85 -14.34 -11.33
C ASP A 143 7.76 -14.09 -11.12
N LYS A 144 6.58 -14.68 -11.36
CA LYS A 144 5.55 -14.59 -10.34
C LYS A 144 5.99 -14.99 -8.92
N LYS A 145 6.71 -16.10 -8.77
CA LYS A 145 7.06 -16.51 -7.39
C LYS A 145 7.99 -15.50 -6.74
N ARG A 146 8.94 -14.96 -7.50
CA ARG A 146 9.88 -14.03 -6.93
C ARG A 146 9.16 -12.70 -6.60
N ILE A 147 8.18 -12.33 -7.42
CA ILE A 147 7.38 -11.10 -7.12
C ILE A 147 6.61 -11.29 -5.80
N ILE A 148 5.97 -12.45 -5.68
CA ILE A 148 5.22 -12.76 -4.45
C ILE A 148 6.16 -12.76 -3.25
N ASP A 149 7.34 -13.33 -3.41
CA ASP A 149 8.24 -13.39 -2.27
CA ASP A 149 8.33 -13.40 -2.33
C ASP A 149 8.80 -12.00 -1.95
N SER A 150 8.91 -11.14 -2.95
CA SER A 150 9.33 -9.76 -2.67
C SER A 150 8.28 -9.03 -1.84
N ALA A 151 7.00 -9.24 -2.16
CA ALA A 151 5.92 -8.61 -1.38
C ALA A 151 6.04 -9.17 0.05
N ARG A 152 6.14 -10.49 0.16
CA ARG A 152 6.19 -11.18 1.47
CA ARG A 152 6.16 -11.14 1.50
C ARG A 152 7.32 -10.62 2.36
N SER A 153 8.51 -10.58 1.78
CA SER A 153 9.71 -10.12 2.49
CA SER A 153 9.71 -10.11 2.48
C SER A 153 9.59 -8.68 2.99
N ALA A 154 9.05 -7.79 2.15
CA ALA A 154 8.89 -6.39 2.57
C ALA A 154 7.88 -6.29 3.69
N TYR A 155 6.75 -6.98 3.55
CA TYR A 155 5.72 -6.97 4.62
C TYR A 155 6.28 -7.55 5.91
N GLN A 156 7.05 -8.64 5.78
CA GLN A 156 7.60 -9.30 6.97
C GLN A 156 8.56 -8.40 7.71
N GLU A 157 9.49 -7.75 7.00
CA GLU A 157 10.39 -6.81 7.66
CA GLU A 157 10.39 -6.80 7.64
C GLU A 157 9.59 -5.67 8.32
N ALA A 158 8.56 -5.18 7.64
CA ALA A 158 7.76 -4.10 8.25
C ALA A 158 7.06 -4.60 9.52
N MET A 159 6.57 -5.83 9.47
CA MET A 159 5.86 -6.39 10.63
CA MET A 159 5.88 -6.40 10.61
C MET A 159 6.85 -6.52 11.79
N ASP A 160 8.06 -6.99 11.49
CA ASP A 160 9.08 -7.22 12.55
C ASP A 160 9.44 -5.93 13.26
N ILE A 161 9.66 -4.85 12.51
CA ILE A 161 9.93 -3.52 13.10
C ILE A 161 8.72 -3.00 13.88
N SER A 162 7.52 -3.10 13.28
CA SER A 162 6.31 -2.55 13.87
C SER A 162 6.07 -3.21 15.23
N LYS A 163 6.31 -4.53 15.30
CA LYS A 163 6.06 -5.24 16.56
C LYS A 163 7.04 -4.84 17.65
N LYS A 164 8.26 -4.52 17.25
CA LYS A 164 9.28 -4.11 18.20
CA LYS A 164 9.31 -4.11 18.17
C LYS A 164 9.13 -2.64 18.63
N GLU A 165 8.66 -1.78 17.72
CA GLU A 165 8.80 -0.33 17.86
CA GLU A 165 8.80 -0.35 17.92
C GLU A 165 7.51 0.48 17.98
N MET A 166 6.36 -0.12 17.70
CA MET A 166 5.11 0.63 17.68
C MET A 166 4.08 -0.05 18.53
N PRO A 167 3.18 0.74 19.14
CA PRO A 167 2.05 0.14 19.85
C PRO A 167 1.09 -0.57 18.89
N PRO A 168 0.32 -1.55 19.40
CA PRO A 168 -0.57 -2.34 18.56
C PRO A 168 -1.68 -1.53 17.94
N THR A 169 -1.95 -0.32 18.44
CA THR A 169 -2.99 0.52 17.90
C THR A 169 -2.47 1.48 16.85
N ASN A 170 -1.15 1.56 16.65
CA ASN A 170 -0.61 2.52 15.69
C ASN A 170 -1.26 2.33 14.28
N PRO A 171 -1.82 3.38 13.66
CA PRO A 171 -2.56 3.15 12.38
C PRO A 171 -1.73 2.54 11.22
N ILE A 172 -0.43 2.84 11.20
CA ILE A 172 0.41 2.27 10.15
CA ILE A 172 0.51 2.28 10.21
C ILE A 172 0.62 0.80 10.44
N ARG A 173 0.86 0.45 11.71
CA ARG A 173 0.93 -0.98 12.05
C ARG A 173 -0.35 -1.74 11.73
N LEU A 174 -1.51 -1.14 12.07
CA LEU A 174 -2.81 -1.73 11.76
C LEU A 174 -3.03 -1.87 10.25
N GLY A 175 -2.71 -0.82 9.49
CA GLY A 175 -2.89 -0.92 8.03
C GLY A 175 -1.93 -1.91 7.39
N LEU A 176 -0.71 -1.98 7.89
CA LEU A 176 0.23 -3.00 7.44
C LEU A 176 -0.33 -4.38 7.64
N ALA A 177 -0.85 -4.65 8.84
CA ALA A 177 -1.38 -5.98 9.08
C ALA A 177 -2.60 -6.31 8.23
N LEU A 178 -3.50 -5.32 8.08
CA LEU A 178 -4.63 -5.47 7.22
C LEU A 178 -4.20 -5.91 5.78
N ASN A 179 -3.18 -5.24 5.25
CA ASN A 179 -2.76 -5.46 3.85
C ASN A 179 -1.99 -6.76 3.75
N PHE A 180 -1.17 -7.06 4.76
CA PHE A 180 -0.45 -8.33 4.72
C PHE A 180 -1.43 -9.48 4.82
N SER A 181 -2.50 -9.31 5.60
CA SER A 181 -3.51 -10.39 5.69
CA SER A 181 -3.55 -10.36 5.70
C SER A 181 -4.24 -10.56 4.34
N VAL A 182 -4.53 -9.46 3.65
CA VAL A 182 -5.08 -9.58 2.25
C VAL A 182 -4.08 -10.30 1.36
N PHE A 183 -2.78 -9.99 1.51
CA PHE A 183 -1.76 -10.66 0.71
C PHE A 183 -1.86 -12.16 0.98
N HIS A 184 -1.93 -12.53 2.26
CA HIS A 184 -2.04 -13.98 2.54
C HIS A 184 -3.28 -14.59 1.90
N TYR A 185 -4.40 -13.90 1.97
CA TYR A 185 -5.69 -14.48 1.56
C TYR A 185 -5.72 -14.64 0.04
N GLU A 186 -5.29 -13.60 -0.65
CA GLU A 186 -5.54 -13.66 -2.08
C GLU A 186 -4.37 -13.83 -3.02
N ILE A 187 -3.16 -13.63 -2.52
CA ILE A 187 -1.99 -13.80 -3.32
C ILE A 187 -1.26 -15.10 -2.97
N ALA A 188 -1.11 -15.34 -1.66
CA ALA A 188 -0.35 -16.50 -1.17
C ALA A 188 -1.20 -17.75 -0.99
N ASN A 189 -2.51 -17.69 -1.25
CA ASN A 189 -3.39 -18.86 -1.10
CA ASN A 189 -3.45 -18.80 -1.08
C ASN A 189 -3.32 -19.37 0.35
N SER A 190 -3.25 -18.46 1.31
CA SER A 190 -3.10 -18.87 2.74
C SER A 190 -4.22 -18.22 3.57
N PRO A 191 -5.48 -18.58 3.32
CA PRO A 191 -6.56 -17.90 4.00
C PRO A 191 -6.50 -18.12 5.52
N GLU A 192 -5.99 -19.27 5.98
CA GLU A 192 -5.88 -19.41 7.46
C GLU A 192 -4.91 -18.42 8.07
N GLU A 193 -3.80 -18.20 7.39
CA GLU A 193 -2.83 -17.23 7.87
C GLU A 193 -3.46 -15.86 7.83
N ALA A 194 -4.21 -15.56 6.76
CA ALA A 194 -4.87 -14.23 6.65
C ALA A 194 -5.82 -14.01 7.80
N ILE A 195 -6.60 -15.03 8.12
CA ILE A 195 -7.60 -14.91 9.21
C ILE A 195 -6.89 -14.79 10.58
N SER A 196 -5.85 -15.59 10.81
CA SER A 196 -5.07 -15.53 12.05
CA SER A 196 -5.12 -15.52 12.07
C SER A 196 -4.48 -14.16 12.25
N LEU A 197 -3.87 -13.64 11.19
CA LEU A 197 -3.26 -12.35 11.34
C LEU A 197 -4.29 -11.26 11.60
N ALA A 198 -5.44 -11.28 10.93
CA ALA A 198 -6.42 -10.20 11.12
C ALA A 198 -7.01 -10.25 12.56
N LYS A 199 -7.25 -11.48 13.03
CA LYS A 199 -7.80 -11.66 14.40
CA LYS A 199 -7.78 -11.71 14.40
C LYS A 199 -6.81 -11.24 15.48
N THR A 200 -5.60 -11.71 15.41
CA THR A 200 -4.58 -11.35 16.39
CA THR A 200 -4.63 -11.32 16.44
C THR A 200 -4.35 -9.83 16.42
N THR A 201 -4.26 -9.24 15.22
CA THR A 201 -4.08 -7.80 15.14
C THR A 201 -5.27 -7.05 15.74
N PHE A 202 -6.47 -7.53 15.47
CA PHE A 202 -7.65 -6.85 15.98
C PHE A 202 -7.63 -6.94 17.55
N ASP A 203 -7.39 -8.14 18.05
CA ASP A 203 -7.41 -8.38 19.50
C ASP A 203 -6.37 -7.57 20.29
N GLU A 204 -5.15 -7.50 19.80
CA GLU A 204 -4.09 -6.77 20.46
CA GLU A 204 -4.08 -6.77 20.45
C GLU A 204 -4.37 -5.28 20.38
N ALA A 205 -5.00 -4.82 19.29
CA ALA A 205 -5.32 -3.38 19.27
C ALA A 205 -6.47 -3.07 20.28
N MET A 206 -7.52 -3.88 20.29
CA MET A 206 -8.58 -3.71 21.28
CA MET A 206 -8.59 -3.73 21.29
C MET A 206 -8.02 -3.52 22.67
N ALA A 207 -7.05 -4.35 23.06
CA ALA A 207 -6.53 -4.32 24.42
C ALA A 207 -5.64 -3.11 24.72
N ASP A 208 -5.27 -2.33 23.69
CA ASP A 208 -4.44 -1.13 23.87
C ASP A 208 -5.23 0.17 23.67
N LEU A 209 -6.52 0.07 23.32
CA LEU A 209 -7.29 1.29 23.07
C LEU A 209 -7.35 2.19 24.31
N HIS A 210 -7.29 1.58 25.48
CA HIS A 210 -7.50 2.35 26.71
C HIS A 210 -6.44 3.41 26.93
N THR A 211 -5.31 3.26 26.22
CA THR A 211 -4.16 4.15 26.40
C THR A 211 -4.30 5.42 25.58
N LEU A 212 -5.32 5.48 24.70
CA LEU A 212 -5.42 6.49 23.65
C LEU A 212 -6.32 7.66 24.01
N SER A 213 -5.95 8.82 23.46
CA SER A 213 -6.85 9.97 23.38
C SER A 213 -8.05 9.68 22.50
N GLU A 214 -9.07 10.56 22.60
CA GLU A 214 -10.25 10.43 21.77
CA GLU A 214 -10.27 10.53 21.76
C GLU A 214 -9.85 10.47 20.28
N ASP A 215 -8.93 11.35 19.91
CA ASP A 215 -8.53 11.43 18.50
C ASP A 215 -7.78 10.20 17.97
N SER A 216 -6.85 9.69 18.79
CA SER A 216 -6.10 8.49 18.43
C SER A 216 -7.03 7.27 18.38
N TYR A 217 -7.95 7.19 19.35
CA TYR A 217 -8.96 6.13 19.35
CA TYR A 217 -8.99 6.18 19.36
C TYR A 217 -9.75 6.11 18.03
N LYS A 218 -10.18 7.27 17.55
CA LYS A 218 -10.93 7.37 16.30
CA LYS A 218 -10.93 7.33 16.30
C LYS A 218 -10.10 6.82 15.14
N ASP A 219 -8.82 7.21 15.07
CA ASP A 219 -7.91 6.78 13.99
C ASP A 219 -7.71 5.24 14.00
N SER A 220 -7.51 4.69 15.18
CA SER A 220 -7.23 3.24 15.31
C SER A 220 -8.50 2.40 15.02
N THR A 221 -9.64 2.82 15.59
CA THR A 221 -10.84 2.02 15.44
C THR A 221 -11.31 2.02 13.98
N LEU A 222 -10.98 3.08 13.23
CA LEU A 222 -11.35 3.12 11.80
CA LEU A 222 -11.33 3.12 11.81
C LEU A 222 -10.72 1.93 11.04
N ILE A 223 -9.43 1.69 11.28
CA ILE A 223 -8.78 0.57 10.60
C ILE A 223 -9.11 -0.75 11.24
N MET A 224 -9.41 -0.76 12.55
CA MET A 224 -9.89 -2.00 13.16
C MET A 224 -11.20 -2.47 12.51
N GLN A 225 -12.06 -1.52 12.14
CA GLN A 225 -13.30 -1.89 11.48
C GLN A 225 -13.01 -2.56 10.12
N LEU A 226 -11.95 -2.15 9.41
CA LEU A 226 -11.63 -2.82 8.13
C LEU A 226 -11.15 -4.26 8.38
N LEU A 227 -10.39 -4.48 9.47
CA LEU A 227 -10.05 -5.85 9.86
C LEU A 227 -11.29 -6.71 10.16
N ARG A 228 -12.25 -6.13 10.88
CA ARG A 228 -13.50 -6.83 11.20
CA ARG A 228 -13.49 -6.84 11.19
C ARG A 228 -14.26 -7.12 9.89
N ASP A 229 -14.25 -6.17 8.96
CA ASP A 229 -14.99 -6.36 7.71
C ASP A 229 -14.40 -7.57 6.99
N ASN A 230 -13.07 -7.66 6.97
CA ASN A 230 -12.47 -8.78 6.29
C ASN A 230 -12.77 -10.10 6.98
N LEU A 231 -12.69 -10.15 8.31
CA LEU A 231 -12.96 -11.39 9.01
C LEU A 231 -14.42 -11.83 8.79
N THR A 232 -15.30 -10.85 8.71
CA THR A 232 -16.73 -11.14 8.46
C THR A 232 -16.91 -11.77 7.07
N LEU A 233 -16.22 -11.20 6.07
CA LEU A 233 -16.27 -11.76 4.73
C LEU A 233 -15.67 -13.18 4.65
N TRP A 234 -14.59 -13.41 5.40
CA TRP A 234 -13.80 -14.64 5.22
C TRP A 234 -14.19 -15.81 6.12
N THR A 235 -15.04 -15.56 7.12
CA THR A 235 -15.44 -16.63 8.06
C THR A 235 -16.97 -16.71 8.15
N LYS B 1 -19.45 -7.93 -1.09
CA LYS B 1 -18.43 -6.91 -0.66
C LYS B 1 -17.06 -7.31 -1.17
N ARG B 2 -16.23 -6.32 -1.46
CA ARG B 2 -14.85 -6.60 -1.78
C ARG B 2 -14.04 -6.39 -0.50
N ARG B 3 -13.10 -7.30 -0.22
CA ARG B 3 -12.21 -7.18 0.97
C ARG B 3 -11.53 -5.81 0.99
N LYS B 4 -11.23 -5.37 2.21
CA LYS B 4 -10.67 -4.05 2.47
C LYS B 4 -9.16 -4.09 2.50
N SEP B 5 -8.54 -3.07 1.90
CA SEP B 5 -7.10 -2.83 2.13
CB SEP B 5 -6.25 -3.26 0.92
OG SEP B 5 -6.76 -2.57 -0.20
C SEP B 5 -7.00 -1.32 2.37
O SEP B 5 -8.00 -0.57 2.18
P SEP B 5 -5.83 -2.73 -1.51
O1P SEP B 5 -6.55 -1.71 -2.50
O2P SEP B 5 -4.35 -2.24 -1.23
O3P SEP B 5 -5.84 -4.17 -2.09
N VAL B 6 -5.84 -0.83 2.82
CA VAL B 6 -5.74 0.61 3.13
C VAL B 6 -4.38 1.18 2.79
MG MG C . 15.00 24.83 -3.30
MG MG D . 17.20 9.26 8.19
MG MG E . 1.71 -8.62 -19.57
MG MG F . 7.67 3.63 19.52
CL CL G . 1.69 23.78 -11.99
C1 GOL H . -16.14 -2.02 19.31
O1 GOL H . -16.62 -2.06 20.64
C2 GOL H . -14.72 -1.43 19.27
O2 GOL H . -14.52 -0.54 20.35
C3 GOL H . -14.45 -0.66 17.98
O3 GOL H . -13.74 -1.47 17.08
CAQ 0DV I . -7.33 5.30 7.36
CAP 0DV I . -6.85 6.74 7.06
CAR 0DV I . -8.09 7.58 6.68
CAN 0DV I . -5.72 6.78 5.98
CAF 0DV I . -4.46 7.27 6.17
CAM 0DV I . -5.94 6.26 4.68
CAL 0DV I . -4.81 6.88 3.86
CAE 0DV I . -3.72 7.05 4.93
CAO 0DV I . -2.81 8.25 4.47
CAD 0DV I . -2.97 5.85 4.88
CAC 0DV I . -2.69 4.82 5.72
CAK 0DV I . -1.93 3.66 5.37
CAV 0DV I . -0.51 4.04 4.91
OBH 0DV I . 0.04 3.13 3.93
CAJ 0DV I . -1.86 2.72 6.58
CAI 0DV I . -2.86 3.26 7.57
CAB 0DV I . -3.12 4.74 7.09
CAA 0DV I . -2.42 5.75 8.09
CAS 0DV I . -1.05 6.36 7.63
CAH 0DV I . -3.39 6.87 8.48
OAU 0DV I . -2.80 7.62 9.57
CAG 0DV I . -3.81 7.88 7.33
O1 0DV I . -4.62 8.91 7.95
C1 0DV I . -4.10 10.30 7.86
O5 0DV I . -4.22 10.84 6.48
C5 0DV I . -5.56 11.18 5.97
C6 0DV I . -5.49 12.60 5.38
O6 0DV I . -4.75 12.52 4.16
C4 0DV I . -6.64 11.06 7.05
O4 0DV I . -7.97 11.47 6.51
C3 0DV I . -6.18 11.85 8.32
O3 0DV I . -7.20 11.93 9.32
C2 0DV I . -4.80 11.27 8.89
O2 0DV I . -4.89 10.71 10.25
#